data_6YZ0
#
_entry.id   6YZ0
#
_cell.length_a   110.328
_cell.length_b   110.328
_cell.length_c   207.876
_cell.angle_alpha   90.000
_cell.angle_beta   90.000
_cell.angle_gamma   90.000
#
_symmetry.space_group_name_H-M   'I 4 2 2'
#
loop_
_entity.id
_entity.type
_entity.pdbx_description
1 polymer 'Ion transport protein'
2 non-polymer 'SODIUM ION'
3 non-polymer HEGA-10
4 non-polymer 'DODECAETHYLENE GLYCOL'
5 non-polymer 2-[(1R,2R,5S)-5-methyl-2-(prop-1-en-2-yl)cyclohexyl]-5-pentylbenzene-1,3-diol
6 water water
#
_entity_poly.entity_id   1
_entity_poly.type   'polypeptide(L)'
_entity_poly.pdbx_seq_one_letter_code
;GSHMSRKIRDLIESKRFQNVITAIIVLNGAVLGLLTDTTLSASSQNLLERVDQLCLTIFIVEISLKIYAYGVRGFFRSGW
NLFDFVIVAIALMPAQGSLSVLRTFRIFRVMRLVSVIPTMRRVVQGMLLALPGVGSVAALLTVVFYIAAVMATNLYGATF
PEWFGDLSKSLYTLFQVMTLESWSMGIVRPVMNVHPNAWVFFIPFIMLTTLTVLNLFIGIIVDAMAITKEQEEEAKTGHH
QEPISQTLLHLGDRLDRIEKQLAQNNELLQRQQPQKK
;
_entity_poly.pdbx_strand_id   A
#
loop_
_chem_comp.id
_chem_comp.type
_chem_comp.name
_chem_comp.formula
12P non-polymer 'DODECAETHYLENE GLYCOL' 'C24 H50 O13'
2CV non-polymer HEGA-10 'C18 H37 N O7'
CD0 non-polymer 2-[(1R,2R,5S)-5-methyl-2-(prop-1-en-2-yl)cyclohexyl]-5-pentylbenzene-1,3-diol 'C21 H32 O2'
NA non-polymer 'SODIUM ION' 'Na 1'
#
# COMPACT_ATOMS: atom_id res chain seq x y z
N SER A 2 -21.71 10.40 29.41
CA SER A 2 -20.59 11.34 29.52
C SER A 2 -20.64 12.44 28.46
N HIS A 3 -21.01 13.65 28.87
CA HIS A 3 -21.11 14.79 27.96
C HIS A 3 -19.74 15.33 27.54
N MET A 4 -18.71 15.16 28.38
CA MET A 4 -17.37 15.65 28.05
C MET A 4 -16.75 14.77 26.97
N SER A 5 -16.83 13.44 27.15
CA SER A 5 -16.33 12.45 26.19
C SER A 5 -17.05 12.60 24.84
N ARG A 6 -18.37 12.84 24.88
CA ARG A 6 -19.17 13.03 23.66
C ARG A 6 -18.92 14.36 22.97
N LYS A 7 -18.48 15.39 23.72
CA LYS A 7 -18.13 16.66 23.09
C LYS A 7 -16.73 16.56 22.44
N ILE A 8 -15.83 15.73 23.01
CA ILE A 8 -14.47 15.53 22.50
C ILE A 8 -14.52 14.66 21.23
N ARG A 9 -15.27 13.54 21.27
CA ARG A 9 -15.44 12.66 20.11
C ARG A 9 -16.06 13.43 18.94
N ASP A 10 -17.05 14.30 19.21
CA ASP A 10 -17.67 15.08 18.14
C ASP A 10 -16.75 16.20 17.61
N LEU A 11 -15.81 16.68 18.45
CA LEU A 11 -14.82 17.69 18.06
C LEU A 11 -13.80 16.99 17.12
N ILE A 12 -13.34 15.80 17.52
CA ILE A 12 -12.43 14.93 16.79
C ILE A 12 -13.02 14.60 15.42
N GLU A 13 -14.30 14.20 15.39
CA GLU A 13 -15.00 13.82 14.16
C GLU A 13 -15.40 14.99 13.25
N SER A 14 -15.12 16.23 13.66
CA SER A 14 -15.49 17.39 12.84
C SER A 14 -14.56 17.55 11.64
N LYS A 15 -15.06 18.18 10.57
CA LYS A 15 -14.29 18.43 9.35
C LYS A 15 -13.16 19.44 9.61
N ARG A 16 -13.36 20.40 10.53
CA ARG A 16 -12.34 21.38 10.84
C ARG A 16 -11.18 20.77 11.66
N PHE A 17 -11.47 19.76 12.51
CA PHE A 17 -10.39 19.09 13.26
C PHE A 17 -9.51 18.33 12.28
N GLN A 18 -10.15 17.59 11.32
CA GLN A 18 -9.42 16.84 10.29
C GLN A 18 -8.59 17.79 9.46
N ASN A 19 -9.17 18.94 9.06
CA ASN A 19 -8.46 19.95 8.27
C ASN A 19 -7.24 20.56 9.02
N VAL A 20 -7.33 20.74 10.34
CA VAL A 20 -6.23 21.28 11.13
C VAL A 20 -5.11 20.23 11.27
N ILE A 21 -5.47 18.95 11.47
CA ILE A 21 -4.49 17.86 11.59
C ILE A 21 -3.79 17.63 10.24
N THR A 22 -4.55 17.71 9.14
CA THR A 22 -4.06 17.61 7.77
C THR A 22 -3.04 18.73 7.51
N ALA A 23 -3.30 19.94 8.04
CA ALA A 23 -2.40 21.08 7.88
C ALA A 23 -1.11 20.87 8.65
N ILE A 24 -1.20 20.25 9.85
CA ILE A 24 -0.01 19.99 10.67
C ILE A 24 0.84 18.89 10.05
N ILE A 25 0.21 17.87 9.42
CA ILE A 25 0.97 16.81 8.74
C ILE A 25 1.73 17.40 7.57
N VAL A 26 1.05 18.26 6.78
CA VAL A 26 1.66 18.94 5.63
C VAL A 26 2.84 19.83 6.09
N LEU A 27 2.66 20.61 7.16
CA LEU A 27 3.68 21.50 7.72
C LEU A 27 4.87 20.68 8.22
N ASN A 28 4.61 19.57 8.93
CA ASN A 28 5.65 18.70 9.44
C ASN A 28 6.48 18.10 8.29
N GLY A 29 5.80 17.68 7.24
CA GLY A 29 6.48 17.14 6.07
C GLY A 29 7.27 18.20 5.33
N ALA A 30 6.79 19.46 5.34
CA ALA A 30 7.49 20.54 4.66
C ALA A 30 8.76 20.88 5.43
N VAL A 31 8.74 20.89 6.79
CA VAL A 31 9.96 21.20 7.53
C VAL A 31 10.96 20.02 7.44
N LEU A 32 10.47 18.77 7.37
CA LEU A 32 11.38 17.61 7.23
C LEU A 32 12.10 17.61 5.85
N GLY A 33 11.41 18.11 4.83
CA GLY A 33 11.96 18.25 3.49
C GLY A 33 12.94 19.39 3.42
N LEU A 34 12.66 20.48 4.13
CA LEU A 34 13.58 21.62 4.21
C LEU A 34 14.86 21.22 4.97
N LEU A 35 14.73 20.33 5.97
CA LEU A 35 15.84 19.80 6.77
C LEU A 35 16.76 18.84 6.02
N THR A 36 16.43 18.48 4.76
CA THR A 36 17.33 17.65 3.95
C THR A 36 18.47 18.50 3.37
N ASP A 37 18.23 19.83 3.19
CA ASP A 37 19.16 20.84 2.68
C ASP A 37 20.34 20.98 3.61
N THR A 38 21.49 20.57 3.12
CA THR A 38 22.75 20.58 3.83
C THR A 38 23.41 21.98 3.90
N THR A 39 22.82 23.01 3.26
CA THR A 39 23.40 24.36 3.30
C THR A 39 22.72 25.30 4.29
N LEU A 40 21.81 24.80 5.14
CA LEU A 40 21.11 25.65 6.09
C LEU A 40 22.01 26.12 7.22
N SER A 41 21.66 27.26 7.82
CA SER A 41 22.42 27.77 8.96
C SER A 41 22.03 26.98 10.22
N ALA A 42 22.81 27.12 11.31
CA ALA A 42 22.48 26.44 12.56
C ALA A 42 21.16 26.93 13.10
N SER A 43 20.89 28.25 13.00
CA SER A 43 19.66 28.86 13.49
C SER A 43 18.45 28.39 12.70
N SER A 44 18.59 28.24 11.36
CA SER A 44 17.52 27.75 10.52
C SER A 44 17.20 26.30 10.86
N GLN A 45 18.24 25.49 11.10
CA GLN A 45 18.07 24.09 11.49
C GLN A 45 17.36 23.97 12.83
N ASN A 46 17.77 24.78 13.83
CA ASN A 46 17.15 24.81 15.17
C ASN A 46 15.67 25.21 15.02
N LEU A 47 15.41 26.22 14.19
CA LEU A 47 14.06 26.74 13.94
C LEU A 47 13.16 25.65 13.36
N LEU A 48 13.61 24.96 12.29
CA LEU A 48 12.85 23.88 11.64
C LEU A 48 12.69 22.67 12.56
N GLU A 49 13.73 22.34 13.34
CA GLU A 49 13.65 21.24 14.31
C GLU A 49 12.65 21.55 15.42
N ARG A 50 12.45 22.84 15.76
CA ARG A 50 11.46 23.24 16.76
C ARG A 50 10.04 23.08 16.21
N VAL A 51 9.84 23.35 14.91
CA VAL A 51 8.53 23.15 14.28
C VAL A 51 8.20 21.65 14.20
N ASP A 52 9.23 20.79 14.03
CA ASP A 52 9.04 19.35 14.00
C ASP A 52 8.64 18.86 15.40
N GLN A 53 9.30 19.38 16.45
CA GLN A 53 8.97 19.01 17.82
C GLN A 53 7.57 19.49 18.21
N LEU A 54 7.16 20.67 17.70
CA LEU A 54 5.81 21.20 17.92
C LEU A 54 4.76 20.34 17.20
N CYS A 55 5.01 20.02 15.90
CA CYS A 55 4.12 19.19 15.09
C CYS A 55 3.89 17.84 15.75
N LEU A 56 4.97 17.19 16.22
CA LEU A 56 4.86 15.92 16.93
C LEU A 56 3.97 16.05 18.18
N THR A 57 4.20 17.07 19.04
CA THR A 57 3.39 17.23 20.26
C THR A 57 1.90 17.45 19.94
N ILE A 58 1.58 18.17 18.84
CA ILE A 58 0.18 18.35 18.44
C ILE A 58 -0.46 16.98 18.11
N PHE A 59 0.31 16.07 17.48
CA PHE A 59 -0.18 14.73 17.18
C PHE A 59 -0.37 13.91 18.48
N ILE A 60 0.48 14.15 19.49
CA ILE A 60 0.40 13.49 20.80
C ILE A 60 -0.87 13.92 21.53
N VAL A 61 -1.24 15.20 21.43
CA VAL A 61 -2.46 15.70 22.04
C VAL A 61 -3.68 15.12 21.32
N GLU A 62 -3.61 15.10 19.97
CA GLU A 62 -4.66 14.55 19.09
C GLU A 62 -4.93 13.07 19.42
N ILE A 63 -3.88 12.25 19.49
CA ILE A 63 -4.01 10.83 19.78
C ILE A 63 -4.53 10.60 21.20
N SER A 64 -4.01 11.35 22.19
CA SER A 64 -4.46 11.21 23.58
C SER A 64 -5.94 11.60 23.72
N LEU A 65 -6.39 12.61 22.95
CA LEU A 65 -7.79 13.02 22.95
C LEU A 65 -8.68 11.88 22.45
N LYS A 66 -8.23 11.16 21.40
CA LYS A 66 -8.94 10.03 20.81
C LYS A 66 -8.98 8.83 21.78
N ILE A 67 -7.86 8.54 22.46
CA ILE A 67 -7.82 7.44 23.42
C ILE A 67 -8.74 7.71 24.64
N TYR A 68 -9.05 8.99 24.92
CA TYR A 68 -9.95 9.32 26.03
C TYR A 68 -11.41 9.40 25.55
N ALA A 69 -11.65 9.88 24.31
CA ALA A 69 -13.01 10.01 23.79
C ALA A 69 -13.61 8.69 23.32
N TYR A 70 -12.78 7.73 22.93
CA TYR A 70 -13.25 6.43 22.44
C TYR A 70 -12.93 5.28 23.40
N GLY A 71 -11.91 5.44 24.23
CA GLY A 71 -11.49 4.39 25.13
C GLY A 71 -10.36 3.56 24.53
N VAL A 72 -9.55 2.91 25.37
CA VAL A 72 -8.43 2.10 24.88
C VAL A 72 -8.89 0.98 23.95
N ARG A 73 -9.94 0.25 24.34
CA ARG A 73 -10.49 -0.84 23.56
C ARG A 73 -11.07 -0.34 22.21
N GLY A 74 -11.83 0.75 22.27
CA GLY A 74 -12.46 1.34 21.08
C GLY A 74 -11.50 1.96 20.10
N PHE A 75 -10.41 2.56 20.59
CA PHE A 75 -9.41 3.18 19.75
C PHE A 75 -8.57 2.10 19.08
N PHE A 76 -8.02 1.16 19.86
CA PHE A 76 -7.17 0.11 19.31
C PHE A 76 -7.93 -0.96 18.51
N ARG A 77 -9.27 -0.87 18.43
CA ARG A 77 -10.06 -1.78 17.59
C ARG A 77 -10.01 -1.38 16.09
N SER A 78 -9.42 -0.22 15.75
CA SER A 78 -9.28 0.28 14.39
C SER A 78 -7.82 0.14 13.96
N GLY A 79 -7.62 -0.43 12.77
CA GLY A 79 -6.28 -0.60 12.21
C GLY A 79 -5.59 0.71 11.91
N TRP A 80 -6.38 1.72 11.52
CA TRP A 80 -5.88 3.05 11.22
C TRP A 80 -5.52 3.86 12.46
N ASN A 81 -6.19 3.60 13.59
CA ASN A 81 -5.86 4.27 14.85
C ASN A 81 -4.54 3.69 15.40
N LEU A 82 -4.37 2.36 15.32
CA LEU A 82 -3.16 1.66 15.74
C LEU A 82 -1.98 2.15 14.88
N PHE A 83 -2.19 2.30 13.57
CA PHE A 83 -1.17 2.78 12.63
C PHE A 83 -0.71 4.19 13.01
N ASP A 84 -1.67 5.06 13.33
CA ASP A 84 -1.37 6.44 13.75
C ASP A 84 -0.62 6.46 15.08
N PHE A 85 -1.02 5.57 16.00
CA PHE A 85 -0.41 5.44 17.32
C PHE A 85 1.02 4.97 17.18
N VAL A 86 1.30 3.99 16.31
CA VAL A 86 2.65 3.48 16.14
C VAL A 86 3.57 4.57 15.60
N ILE A 87 3.11 5.32 14.60
CA ILE A 87 3.88 6.41 14.00
C ILE A 87 4.27 7.49 15.03
N VAL A 88 3.32 7.89 15.90
CA VAL A 88 3.62 8.93 16.90
C VAL A 88 4.37 8.37 18.12
N ALA A 89 4.08 7.12 18.55
CA ALA A 89 4.77 6.53 19.69
C ALA A 89 6.22 6.16 19.40
N ILE A 90 6.53 5.84 18.13
CA ILE A 90 7.89 5.51 17.73
C ILE A 90 8.81 6.73 17.96
N ALA A 91 8.30 7.94 17.74
CA ALA A 91 9.05 9.19 17.94
C ALA A 91 9.48 9.43 19.38
N LEU A 92 8.86 8.76 20.36
CA LEU A 92 9.23 8.89 21.77
C LEU A 92 10.22 7.79 22.19
N MET A 93 11.04 7.28 21.25
CA MET A 93 12.02 6.22 21.52
C MET A 93 13.46 6.67 21.26
N PRO A 94 14.12 7.27 22.25
CA PRO A 94 15.50 7.71 22.05
C PRO A 94 16.55 6.63 22.39
N ALA A 95 17.45 6.33 21.44
CA ALA A 95 18.48 5.32 21.65
C ALA A 95 19.84 5.96 21.97
N ARG A 103 12.58 5.14 13.88
CA ARG A 103 13.95 5.54 14.21
C ARG A 103 14.68 6.11 12.98
N THR A 104 15.07 7.41 13.05
CA THR A 104 15.81 8.21 12.06
C THR A 104 14.98 8.60 10.80
N PHE A 105 13.82 7.97 10.56
CA PHE A 105 12.94 8.30 9.42
C PHE A 105 11.58 8.90 9.86
N ARG A 106 11.63 10.16 10.27
CA ARG A 106 10.49 10.97 10.70
C ARG A 106 9.53 11.25 9.54
N ILE A 107 10.02 11.22 8.28
CA ILE A 107 9.23 11.49 7.07
C ILE A 107 8.06 10.51 6.91
N PHE A 108 8.15 9.31 7.52
CA PHE A 108 7.05 8.36 7.52
C PHE A 108 5.78 8.92 8.20
N ARG A 109 5.90 10.03 8.95
CA ARG A 109 4.79 10.73 9.56
C ARG A 109 3.83 11.30 8.50
N VAL A 110 4.34 11.57 7.28
CA VAL A 110 3.53 12.05 6.15
C VAL A 110 2.55 10.93 5.65
N MET A 111 2.80 9.65 6.00
CA MET A 111 1.87 8.57 5.67
C MET A 111 0.53 8.81 6.37
N ARG A 112 0.51 9.55 7.52
CA ARG A 112 -0.70 9.90 8.25
C ARG A 112 -1.69 10.65 7.37
N LEU A 113 -1.26 11.23 6.22
CA LEU A 113 -2.21 11.86 5.28
C LEU A 113 -3.18 10.79 4.75
N VAL A 114 -2.69 9.57 4.52
CA VAL A 114 -3.51 8.47 4.05
C VAL A 114 -4.53 8.09 5.12
N SER A 115 -4.09 7.88 6.36
CA SER A 115 -4.98 7.52 7.47
C SER A 115 -5.96 8.62 7.87
N VAL A 116 -5.59 9.88 7.74
CA VAL A 116 -6.43 11.01 8.14
C VAL A 116 -7.45 11.41 7.05
N ILE A 117 -7.11 11.35 5.76
CA ILE A 117 -8.06 11.69 4.69
C ILE A 117 -8.84 10.46 4.24
N PRO A 118 -10.16 10.38 4.57
CA PRO A 118 -10.94 9.17 4.25
C PRO A 118 -10.95 8.71 2.77
N THR A 119 -10.94 9.61 1.78
CA THR A 119 -10.90 9.17 0.38
C THR A 119 -9.56 8.47 0.08
N MET A 120 -8.46 8.95 0.68
CA MET A 120 -7.14 8.33 0.50
C MET A 120 -7.06 7.00 1.27
N ARG A 121 -7.67 6.94 2.42
CA ARG A 121 -7.76 5.75 3.25
C ARG A 121 -8.55 4.63 2.51
N ARG A 122 -9.53 4.99 1.67
CA ARG A 122 -10.30 4.00 0.92
C ARG A 122 -9.54 3.44 -0.30
N VAL A 123 -8.60 4.21 -0.86
CA VAL A 123 -7.75 3.73 -1.95
C VAL A 123 -6.83 2.63 -1.41
N VAL A 124 -6.24 2.86 -0.24
CA VAL A 124 -5.35 1.90 0.39
C VAL A 124 -6.09 0.67 0.79
N GLN A 125 -7.29 0.83 1.39
CA GLN A 125 -8.14 -0.27 1.80
C GLN A 125 -8.51 -1.15 0.60
N GLY A 126 -8.89 -0.53 -0.50
CA GLY A 126 -9.19 -1.27 -1.72
C GLY A 126 -7.99 -2.06 -2.24
N MET A 127 -6.78 -1.48 -2.19
CA MET A 127 -5.57 -2.17 -2.63
C MET A 127 -5.23 -3.32 -1.69
N LEU A 128 -5.37 -3.14 -0.37
CA LEU A 128 -5.08 -4.16 0.62
C LEU A 128 -6.06 -5.34 0.52
N LEU A 129 -7.36 -5.05 0.39
CA LEU A 129 -8.39 -6.09 0.27
C LEU A 129 -8.31 -6.84 -1.07
N ALA A 130 -7.64 -6.24 -2.08
CA ALA A 130 -7.46 -6.90 -3.37
C ALA A 130 -6.30 -7.91 -3.33
N LEU A 131 -5.35 -7.77 -2.37
CA LEU A 131 -4.18 -8.64 -2.29
C LEU A 131 -4.53 -10.14 -2.11
N PRO A 132 -5.45 -10.55 -1.21
CA PRO A 132 -5.76 -11.99 -1.10
C PRO A 132 -6.22 -12.66 -2.40
N GLY A 133 -6.97 -11.95 -3.22
CA GLY A 133 -7.46 -12.50 -4.49
C GLY A 133 -6.40 -12.81 -5.52
N VAL A 134 -5.24 -12.13 -5.43
CA VAL A 134 -4.12 -12.37 -6.36
C VAL A 134 -2.97 -13.17 -5.71
N GLY A 135 -3.19 -13.77 -4.53
CA GLY A 135 -2.17 -14.49 -3.78
C GLY A 135 -1.58 -15.67 -4.51
N SER A 136 -2.41 -16.41 -5.26
CA SER A 136 -1.90 -17.57 -6.00
C SER A 136 -1.07 -17.15 -7.22
N VAL A 137 -1.36 -15.97 -7.80
CA VAL A 137 -0.58 -15.45 -8.93
C VAL A 137 0.78 -14.95 -8.41
N ALA A 138 0.79 -14.32 -7.23
CA ALA A 138 2.00 -13.81 -6.61
C ALA A 138 2.88 -14.97 -6.16
N ALA A 139 2.30 -16.05 -5.65
CA ALA A 139 3.02 -17.25 -5.26
C ALA A 139 3.62 -17.92 -6.51
N LEU A 140 2.88 -17.94 -7.62
CA LEU A 140 3.37 -18.52 -8.85
C LEU A 140 4.60 -17.72 -9.36
N LEU A 141 4.55 -16.39 -9.28
CA LEU A 141 5.66 -15.55 -9.69
C LEU A 141 6.88 -15.80 -8.81
N THR A 142 6.67 -15.84 -7.50
CA THR A 142 7.67 -16.16 -6.49
C THR A 142 8.33 -17.53 -6.79
N VAL A 143 7.54 -18.53 -7.15
CA VAL A 143 8.06 -19.85 -7.47
C VAL A 143 8.96 -19.80 -8.72
N VAL A 144 8.53 -19.08 -9.78
CA VAL A 144 9.31 -18.92 -11.02
C VAL A 144 10.62 -18.20 -10.74
N PHE A 145 10.58 -17.13 -9.93
CA PHE A 145 11.76 -16.37 -9.57
C PHE A 145 12.78 -17.24 -8.84
N TYR A 146 12.32 -18.03 -7.85
CA TYR A 146 13.18 -18.90 -7.05
C TYR A 146 13.85 -19.95 -7.93
N ILE A 147 13.09 -20.70 -8.74
CA ILE A 147 13.64 -21.69 -9.66
C ILE A 147 14.62 -21.05 -10.61
N ALA A 148 14.26 -19.88 -11.20
CA ALA A 148 15.15 -19.21 -12.13
C ALA A 148 16.44 -18.80 -11.47
N ALA A 149 16.39 -18.29 -10.22
CA ALA A 149 17.56 -17.83 -9.50
C ALA A 149 18.53 -18.96 -9.19
N VAL A 150 18.00 -20.13 -8.83
CA VAL A 150 18.83 -21.30 -8.57
C VAL A 150 19.46 -21.73 -9.89
N MET A 151 18.67 -21.82 -10.97
CA MET A 151 19.23 -22.19 -12.28
C MET A 151 20.31 -21.22 -12.74
N ALA A 152 20.07 -19.91 -12.66
CA ALA A 152 21.00 -18.88 -13.08
C ALA A 152 22.27 -18.94 -12.23
N THR A 153 22.16 -19.12 -10.91
CA THR A 153 23.32 -19.20 -10.04
C THR A 153 24.22 -20.38 -10.44
N ASN A 154 23.63 -21.58 -10.66
CA ASN A 154 24.40 -22.75 -11.06
C ASN A 154 24.95 -22.65 -12.48
N LEU A 155 24.21 -22.06 -13.40
CA LEU A 155 24.66 -21.95 -14.80
C LEU A 155 25.69 -20.85 -15.05
N TYR A 156 25.49 -19.67 -14.48
CA TYR A 156 26.28 -18.48 -14.80
C TYR A 156 27.08 -17.91 -13.65
N GLY A 157 26.96 -18.45 -12.46
CA GLY A 157 27.64 -17.91 -11.30
C GLY A 157 29.15 -17.90 -11.36
N ALA A 158 29.77 -18.95 -11.91
CA ALA A 158 31.24 -19.01 -11.97
C ALA A 158 31.77 -18.09 -13.08
N THR A 159 31.04 -17.95 -14.19
CA THR A 159 31.50 -17.12 -15.29
C THR A 159 31.11 -15.66 -15.11
N PHE A 160 29.98 -15.40 -14.46
CA PHE A 160 29.48 -14.04 -14.25
C PHE A 160 29.19 -13.81 -12.77
N PRO A 161 30.22 -13.80 -11.90
CA PRO A 161 29.96 -13.65 -10.46
C PRO A 161 29.32 -12.35 -10.01
N GLU A 162 29.55 -11.21 -10.69
CA GLU A 162 28.93 -9.94 -10.23
C GLU A 162 27.41 -9.99 -10.34
N TRP A 163 26.88 -10.67 -11.37
CA TRP A 163 25.43 -10.76 -11.60
C TRP A 163 24.78 -12.07 -11.07
N PHE A 164 25.52 -13.18 -11.05
CA PHE A 164 24.93 -14.46 -10.68
C PHE A 164 25.71 -15.29 -9.70
N GLY A 165 26.73 -14.73 -9.07
CA GLY A 165 27.65 -15.44 -8.17
C GLY A 165 27.02 -16.10 -6.97
N ASP A 166 25.85 -15.62 -6.58
CA ASP A 166 25.12 -16.19 -5.47
C ASP A 166 23.60 -16.03 -5.70
N LEU A 167 22.79 -16.72 -4.91
CA LEU A 167 21.35 -16.67 -5.03
C LEU A 167 20.78 -15.24 -4.95
N SER A 168 21.22 -14.44 -3.98
CA SER A 168 20.79 -13.07 -3.79
C SER A 168 21.12 -12.20 -5.02
N LYS A 169 22.32 -12.38 -5.55
CA LYS A 169 22.77 -11.65 -6.73
C LYS A 169 21.95 -12.07 -7.90
N SER A 170 21.65 -13.37 -8.07
CA SER A 170 20.79 -13.80 -9.18
C SER A 170 19.38 -13.27 -9.06
N LEU A 171 18.81 -13.24 -7.83
CA LEU A 171 17.45 -12.73 -7.65
C LEU A 171 17.37 -11.26 -8.11
N TYR A 172 18.39 -10.48 -7.73
CA TYR A 172 18.47 -9.08 -8.10
C TYR A 172 18.54 -8.87 -9.62
N THR A 173 19.43 -9.61 -10.34
CA THR A 173 19.57 -9.37 -11.78
C THR A 173 18.39 -9.97 -12.54
N LEU A 174 17.69 -10.98 -12.01
CA LEU A 174 16.46 -11.47 -12.64
C LEU A 174 15.31 -10.48 -12.49
N PHE A 175 15.27 -9.72 -11.40
CA PHE A 175 14.26 -8.68 -11.21
C PHE A 175 14.56 -7.56 -12.23
N GLN A 176 15.84 -7.21 -12.47
CA GLN A 176 16.24 -6.20 -13.44
C GLN A 176 15.85 -6.70 -14.85
N VAL A 177 16.17 -7.96 -15.16
CA VAL A 177 15.83 -8.58 -16.45
C VAL A 177 14.29 -8.55 -16.66
N MET A 178 13.51 -8.89 -15.59
CA MET A 178 12.04 -8.87 -15.67
C MET A 178 11.53 -7.42 -15.96
N THR A 179 12.19 -6.40 -15.40
CA THR A 179 11.82 -5.01 -15.69
C THR A 179 12.34 -4.56 -17.09
N LEU A 180 13.03 -5.45 -17.85
CA LEU A 180 13.54 -5.16 -19.20
C LEU A 180 14.70 -4.15 -19.19
N GLU A 181 15.25 -3.79 -18.02
CA GLU A 181 16.30 -2.79 -17.91
C GLU A 181 17.66 -3.32 -18.33
N SER A 182 18.15 -2.86 -19.47
CA SER A 182 19.43 -3.31 -20.07
C SER A 182 19.57 -4.83 -20.09
N TRP A 183 18.43 -5.57 -20.14
CA TRP A 183 18.47 -7.03 -20.08
C TRP A 183 19.35 -7.59 -21.16
N SER A 184 19.37 -6.97 -22.37
CA SER A 184 20.15 -7.57 -23.46
C SER A 184 21.53 -6.92 -23.63
N MET A 185 21.59 -5.59 -23.78
CA MET A 185 22.85 -4.93 -23.96
C MET A 185 23.71 -5.09 -22.69
N GLY A 186 23.09 -5.08 -21.51
CA GLY A 186 23.79 -5.09 -20.25
C GLY A 186 24.10 -6.45 -19.69
N ILE A 187 23.17 -7.43 -19.82
CA ILE A 187 23.27 -8.75 -19.24
C ILE A 187 23.40 -9.91 -20.26
N VAL A 188 22.36 -10.17 -21.08
CA VAL A 188 22.31 -11.37 -21.92
C VAL A 188 23.27 -11.35 -23.09
N ARG A 189 23.52 -10.22 -23.78
CA ARG A 189 24.58 -10.28 -24.84
C ARG A 189 25.97 -10.53 -24.17
N PRO A 190 26.37 -9.87 -23.05
CA PRO A 190 27.65 -10.25 -22.41
C PRO A 190 27.71 -11.72 -21.98
N VAL A 191 26.58 -12.30 -21.50
CA VAL A 191 26.52 -13.72 -21.09
C VAL A 191 26.59 -14.66 -22.31
N MET A 192 25.95 -14.30 -23.44
CA MET A 192 26.00 -15.15 -24.63
C MET A 192 27.38 -15.20 -25.26
N ASN A 193 28.28 -14.23 -24.94
CA ASN A 193 29.66 -14.32 -25.44
C ASN A 193 30.35 -15.58 -24.85
N VAL A 194 29.98 -15.98 -23.63
CA VAL A 194 30.54 -17.17 -23.02
C VAL A 194 29.64 -18.37 -23.20
N HIS A 195 28.33 -18.20 -22.98
CA HIS A 195 27.34 -19.27 -23.07
C HIS A 195 26.38 -18.92 -24.22
N PRO A 196 26.68 -19.35 -25.47
CA PRO A 196 25.84 -18.93 -26.62
C PRO A 196 24.34 -19.31 -26.58
N ASN A 197 23.95 -20.30 -25.81
CA ASN A 197 22.55 -20.72 -25.72
C ASN A 197 21.80 -20.04 -24.58
N ALA A 198 22.42 -19.09 -23.84
CA ALA A 198 21.76 -18.44 -22.71
C ALA A 198 20.41 -17.81 -23.06
N TRP A 199 20.16 -17.45 -24.34
CA TRP A 199 18.88 -16.86 -24.74
C TRP A 199 17.74 -17.83 -24.48
N VAL A 200 18.01 -19.17 -24.56
CA VAL A 200 17.06 -20.24 -24.24
C VAL A 200 16.61 -20.10 -22.78
N PHE A 201 17.46 -19.57 -21.90
CA PHE A 201 17.10 -19.36 -20.51
C PHE A 201 16.35 -18.05 -20.34
N PHE A 202 16.98 -16.93 -20.71
CA PHE A 202 16.46 -15.59 -20.46
C PHE A 202 15.23 -15.17 -21.25
N ILE A 203 15.07 -15.57 -22.53
CA ILE A 203 13.91 -15.11 -23.29
C ILE A 203 12.60 -15.75 -22.71
N PRO A 204 12.51 -17.08 -22.47
CA PRO A 204 11.30 -17.61 -21.83
C PRO A 204 11.10 -17.04 -20.42
N PHE A 205 12.19 -16.74 -19.67
CA PHE A 205 12.05 -16.14 -18.33
C PHE A 205 11.33 -14.80 -18.46
N ILE A 206 11.75 -13.95 -19.43
CA ILE A 206 11.10 -12.65 -19.65
C ILE A 206 9.64 -12.84 -20.09
N MET A 207 9.36 -13.77 -21.01
CA MET A 207 8.00 -13.97 -21.50
C MET A 207 7.05 -14.38 -20.37
N LEU A 208 7.44 -15.38 -19.58
CA LEU A 208 6.64 -15.85 -18.47
C LEU A 208 6.47 -14.80 -17.34
N THR A 209 7.56 -14.14 -16.90
CA THR A 209 7.48 -13.18 -15.79
C THR A 209 6.78 -11.86 -16.15
N THR A 210 6.96 -11.31 -17.36
CA THR A 210 6.26 -10.08 -17.72
C THR A 210 4.75 -10.38 -17.86
N LEU A 211 4.39 -11.57 -18.37
CA LEU A 211 2.97 -11.94 -18.47
C LEU A 211 2.38 -12.08 -17.04
N THR A 212 3.08 -12.79 -16.14
CA THR A 212 2.61 -13.04 -14.78
C THR A 212 2.53 -11.77 -13.95
N VAL A 213 3.53 -10.88 -14.04
CA VAL A 213 3.52 -9.60 -13.34
C VAL A 213 2.37 -8.71 -13.81
N LEU A 214 2.10 -8.70 -15.12
CA LEU A 214 1.03 -7.88 -15.65
C LEU A 214 -0.33 -8.43 -15.17
N ASN A 215 -0.45 -9.76 -15.06
CA ASN A 215 -1.64 -10.44 -14.57
C ASN A 215 -1.82 -10.05 -13.10
N LEU A 216 -0.77 -10.13 -12.30
CA LEU A 216 -0.77 -9.76 -10.90
C LEU A 216 -1.25 -8.30 -10.73
N PHE A 217 -0.69 -7.36 -11.53
CA PHE A 217 -1.02 -5.94 -11.48
C PHE A 217 -2.43 -5.65 -11.89
N ILE A 218 -2.90 -6.18 -13.04
CA ILE A 218 -4.26 -6.01 -13.50
C ILE A 218 -5.27 -6.59 -12.49
N GLY A 219 -4.94 -7.75 -11.89
CA GLY A 219 -5.81 -8.38 -10.91
C GLY A 219 -6.00 -7.50 -9.69
N ILE A 220 -4.93 -6.83 -9.28
CA ILE A 220 -4.99 -5.93 -8.14
C ILE A 220 -5.79 -4.70 -8.53
N ILE A 221 -5.45 -4.04 -9.63
CA ILE A 221 -6.11 -2.82 -10.06
C ILE A 221 -7.62 -2.98 -10.22
N VAL A 222 -8.06 -4.00 -10.95
CA VAL A 222 -9.49 -4.25 -11.17
C VAL A 222 -10.27 -4.45 -9.85
N ASP A 223 -9.75 -5.28 -8.94
CA ASP A 223 -10.41 -5.56 -7.67
C ASP A 223 -10.38 -4.35 -6.77
N ALA A 224 -9.21 -3.72 -6.63
CA ALA A 224 -9.04 -2.54 -5.78
C ALA A 224 -9.97 -1.42 -6.21
N MET A 225 -10.09 -1.18 -7.53
CA MET A 225 -10.97 -0.13 -8.00
C MET A 225 -12.42 -0.39 -7.63
N ALA A 226 -12.92 -1.64 -7.78
CA ALA A 226 -14.29 -2.00 -7.47
C ALA A 226 -14.55 -1.97 -5.96
N ILE A 227 -13.59 -2.41 -5.14
CA ILE A 227 -13.74 -2.38 -3.69
C ILE A 227 -13.82 -0.93 -3.20
N THR A 228 -12.88 -0.07 -3.61
CA THR A 228 -12.86 1.34 -3.24
C THR A 228 -14.13 2.06 -3.72
N LYS A 229 -14.65 1.68 -4.88
CA LYS A 229 -15.87 2.28 -5.42
C LYS A 229 -17.10 1.90 -4.56
N GLU A 230 -17.11 0.67 -4.00
CA GLU A 230 -18.18 0.20 -3.13
C GLU A 230 -18.08 0.90 -1.76
N GLN A 231 -16.85 1.07 -1.26
CA GLN A 231 -16.58 1.71 0.02
C GLN A 231 -16.93 3.20 -0.01
N GLU A 232 -16.73 3.85 -1.16
CA GLU A 232 -17.07 5.26 -1.34
C GLU A 232 -18.59 5.43 -1.30
N GLU A 233 -19.32 4.50 -1.96
CA GLU A 233 -20.78 4.50 -2.00
C GLU A 233 -21.34 4.34 -0.60
N GLU A 234 -20.78 3.43 0.21
CA GLU A 234 -21.24 3.20 1.58
C GLU A 234 -21.00 4.40 2.47
N ALA A 235 -19.89 5.10 2.26
CA ALA A 235 -19.55 6.28 3.05
C ALA A 235 -20.47 7.47 2.75
N LYS A 236 -21.00 7.57 1.54
CA LYS A 236 -21.85 8.67 1.16
C LYS A 236 -23.34 8.37 1.36
N THR A 237 -23.82 7.22 0.89
CA THR A 237 -25.24 6.88 0.95
C THR A 237 -25.63 5.85 2.03
N GLY A 238 -24.65 5.30 2.74
CA GLY A 238 -24.94 4.30 3.76
C GLY A 238 -24.99 2.87 3.26
N HIS A 239 -25.05 2.70 1.94
CA HIS A 239 -25.10 1.41 1.27
C HIS A 239 -24.42 1.46 -0.11
N HIS A 240 -24.03 0.30 -0.64
CA HIS A 240 -23.44 0.22 -1.97
C HIS A 240 -24.42 -0.41 -2.98
N GLN A 241 -24.13 -0.31 -4.28
CA GLN A 241 -24.98 -0.89 -5.32
C GLN A 241 -24.91 -2.41 -5.28
N GLU A 242 -26.04 -3.09 -5.51
CA GLU A 242 -26.07 -4.54 -5.53
C GLU A 242 -25.53 -5.08 -6.86
N PRO A 243 -24.89 -6.27 -6.86
CA PRO A 243 -24.37 -6.81 -8.12
C PRO A 243 -25.48 -7.09 -9.14
N ILE A 244 -25.12 -7.08 -10.43
CA ILE A 244 -26.07 -7.33 -11.51
C ILE A 244 -26.69 -8.73 -11.41
N SER A 245 -25.96 -9.72 -10.85
CA SER A 245 -26.48 -11.07 -10.65
C SER A 245 -27.60 -11.06 -9.60
N GLN A 246 -27.44 -10.26 -8.55
CA GLN A 246 -28.45 -10.13 -7.50
C GLN A 246 -29.68 -9.35 -7.97
N THR A 247 -29.48 -8.40 -8.90
CA THR A 247 -30.57 -7.62 -9.50
C THR A 247 -31.43 -8.54 -10.35
N LEU A 248 -30.79 -9.43 -11.14
CA LEU A 248 -31.47 -10.40 -11.98
C LEU A 248 -32.10 -11.55 -11.16
N LEU A 249 -31.56 -11.79 -9.96
CA LEU A 249 -32.11 -12.84 -9.06
C LEU A 249 -33.46 -12.34 -8.50
N HIS A 250 -33.52 -11.06 -8.11
CA HIS A 250 -34.77 -10.52 -7.50
C HIS A 250 -35.87 -10.44 -8.56
N LEU A 251 -35.47 -10.22 -9.82
CA LEU A 251 -36.45 -10.23 -10.94
C LEU A 251 -37.02 -11.64 -11.12
N GLY A 252 -36.17 -12.67 -11.02
CA GLY A 252 -36.65 -14.06 -11.12
C GLY A 252 -37.62 -14.40 -10.00
N ASP A 253 -37.39 -13.87 -8.80
CA ASP A 253 -38.28 -14.10 -7.67
C ASP A 253 -39.63 -13.43 -7.92
N ARG A 254 -39.62 -12.23 -8.50
CA ARG A 254 -40.84 -11.50 -8.84
C ARG A 254 -41.56 -12.17 -10.02
N LEU A 255 -40.82 -12.82 -10.93
CA LEU A 255 -41.38 -13.55 -12.06
C LEU A 255 -42.09 -14.81 -11.57
N ASP A 256 -41.53 -15.49 -10.56
CA ASP A 256 -42.14 -16.69 -9.98
C ASP A 256 -43.39 -16.37 -9.17
N ARG A 257 -43.46 -15.16 -8.58
CA ARG A 257 -44.62 -14.71 -7.82
C ARG A 257 -45.78 -14.40 -8.79
N ILE A 258 -45.45 -13.83 -9.97
CA ILE A 258 -46.45 -13.55 -11.00
C ILE A 258 -46.92 -14.86 -11.66
N GLU A 259 -45.99 -15.82 -11.85
CA GLU A 259 -46.26 -17.15 -12.40
C GLU A 259 -47.18 -17.95 -11.48
N LYS A 260 -47.03 -17.79 -10.15
CA LYS A 260 -47.86 -18.46 -9.16
C LYS A 260 -49.29 -17.94 -9.22
N GLN A 261 -49.47 -16.64 -9.47
CA GLN A 261 -50.82 -16.05 -9.57
C GLN A 261 -51.43 -16.13 -10.98
N LEU A 262 -50.79 -16.84 -11.91
CA LEU A 262 -51.31 -16.99 -13.27
C LEU A 262 -51.92 -18.37 -13.47
N ALA A 263 -51.28 -19.41 -12.91
CA ALA A 263 -51.79 -20.78 -13.01
C ALA A 263 -52.93 -20.98 -12.01
N GLN A 264 -52.78 -20.43 -10.80
CA GLN A 264 -53.85 -20.55 -9.79
C GLN A 264 -54.98 -19.58 -10.15
N ASN A 265 -54.63 -18.30 -10.40
CA ASN A 265 -55.64 -17.29 -10.69
C ASN A 265 -55.66 -16.98 -12.19
NA NA B . 10.47 -0.12 -20.54
NA NA C . 17.03 1.10 -21.05
NA NA D . 19.39 1.54 -21.24
C9 2CV E . 12.76 -15.26 -30.36
C12 2CV E . 14.22 -15.01 -30.75
C15 2CV E . 15.17 -16.14 -30.44
C18 2CV E . 16.53 -15.98 -31.07
C21 2CV E . 17.35 -17.24 -31.05
C24 2CV E . 18.71 -17.14 -31.69
C27 2CV E . 19.77 -16.47 -30.82
C30 2CV E . 21.19 -16.85 -31.22
N33 2CV E . 22.18 -15.97 -30.95
O34 2CV E . 21.41 -17.93 -31.73
C35 2CV E . 21.97 -14.67 -30.29
C36 2CV E . 23.56 -16.29 -31.33
C37 2CV E . 24.61 -16.34 -30.22
C40 2CV E . 25.86 -17.10 -30.65
O47 2CV E . 24.08 -16.97 -29.04
O49 2CV E . 26.49 -16.47 -31.76
C60 2CV E . 22.31 -13.50 -31.17
O63 2CV E . 23.58 -12.97 -30.85
C1 2CV E . 11.84 -14.11 -30.69
C0 2CV E . 10.41 -14.33 -30.28
C23 12P F . 10.77 -22.00 -14.63
O22 12P F . 11.62 -20.86 -14.56
C21 12P F . 12.79 -20.99 -15.36
C20 12P F . 12.60 -20.25 -16.64
O19 12P F . 13.50 -20.74 -17.62
C18 12P F . 12.84 -21.43 -18.67
C17 12P F . 13.83 -21.85 -19.71
O16 12P F . 14.76 -22.73 -19.13
C15 12P F . 15.84 -23.05 -20.02
C14 12P F . 16.55 -24.28 -19.54
O13 12P F . 17.87 -23.93 -19.13
C11 CD0 G . 5.67 -6.31 -23.15
C12 CD0 G . 7.04 -5.89 -25.09
C21 CD0 G . 7.18 -11.80 -24.83
C22 CD0 G . 6.18 -12.64 -25.57
C03 CD0 G . 5.88 -3.22 -22.92
C04 CD0 G . 5.60 -3.99 -24.23
C05 CD0 G . 4.62 -2.51 -22.40
C06 CD0 G . 3.88 -1.78 -23.50
C07 CD0 G . 4.25 -3.77 -24.88
C08 CD0 G . 6.06 -5.45 -24.18
C09 CD0 G . 3.59 -2.64 -24.68
C10 CD0 G . 7.12 -2.35 -22.92
C13 CD0 G . 2.48 -2.16 -25.57
C14 CD0 G . 8.35 -2.94 -23.49
C15 CD0 G . 7.17 -8.01 -23.96
C16 CD0 G . 6.19 -7.60 -23.07
C17 CD0 G . 7.57 -7.17 -24.99
C18 CD0 G . 7.66 -9.44 -23.92
C19 CD0 G . 7.15 -1.12 -22.38
C20 CD0 G . 6.80 -10.32 -24.80
C23 CD0 G . 6.05 -12.33 -27.05
O01 CD0 G . 4.69 -5.97 -22.27
O02 CD0 G . 7.47 -5.07 -26.10
#